data_3HDL
#
_entry.id   3HDL
#
_cell.length_a   117.821
_cell.length_b   117.821
_cell.length_c   93.447
_cell.angle_alpha   90.00
_cell.angle_beta   90.00
_cell.angle_gamma   120.00
#
_symmetry.space_group_name_H-M   'P 31 2 1'
#
loop_
_entity.id
_entity.type
_entity.pdbx_description
1 polymer 'Royal Palm Tree Peroxidase'
2 branched alpha-D-mannopyranose-(1-2)-[alpha-D-mannopyranose-(1-3)][beta-D-xylofuranose-(1-6)]alpha-D-mannopyranose-(1-4)-2-acetamido-2-deoxy-beta-D-glucopyranose-(1-4)-[alpha-L-fucopyranose-(1-3)]2-acetamido-2-deoxy-beta-D-glucopyranose
3 branched alpha-D-mannopyranose-(1-2)-alpha-D-mannopyranose-(1-4)-2-acetamido-2-deoxy-beta-D-glucopyranose-(1-4)-[alpha-L-fucopyranose-(1-3)]2-acetamido-2-deoxy-beta-D-glucopyranose
4 branched alpha-L-fucopyranose-(1-3)-[2-acetamido-2-deoxy-beta-D-glucopyranose-(1-4)]2-acetamido-2-deoxy-beta-D-glucopyranose
5 branched 2-acetamido-2-deoxy-beta-D-glucopyranose-(1-4)-2-acetamido-2-deoxy-beta-D-glucopyranose
6 branched alpha-D-mannopyranose-(1-2)-[alpha-D-mannopyranose-(1-3)]alpha-D-mannopyranose-(1-4)-2-acetamido-2-deoxy-beta-D-glucopyranose-(1-4)-[alpha-L-fucopyranose-(1-3)]2-acetamido-2-deoxy-beta-D-glucopyranose
7 non-polymer 'PROTOPORPHYRIN IX CONTAINING FE'
8 non-polymer 'CALCIUM ION'
9 non-polymer 'HYDROGEN PEROXIDE'
10 non-polymer 'SULFATE ION'
11 non-polymer '2-(N-MORPHOLINO)-ETHANESULFONIC ACID'
12 non-polymer 1,2-ETHANEDIOL
13 non-polymer 2-acetamido-2-deoxy-beta-D-glucopyranose
14 water water
#
_entity_poly.entity_id   1
_entity_poly.type   'polypeptide(L)'
_entity_poly.pdbx_seq_one_letter_code
;DLQIGFYNTSCPTAESLVQQAVAAAFANNSGIAPGLIRMHFHDCFVRGCDASVLLDSTANNTAEKDAIPNNPSLRGFEVI
TAAKSAVEAACPQTVSCADILAFAARDSANLAGNITYQVPSGRRDGTVSLASEANAQIPSPLFNATQLINSFANKTLTAD
EMVTLSGAHSIGVAHCSSFTNRLYNFNSGSGIDPTLSPSYAALLRNTCPANSTRFTPITVSLDIITPSVLDNMYYTGVQL
TLGLLTSDQALVTEANLSAAVKANAMNLTAWASKFAQAMVKMGQIEVLTGTQGEIRTNCSVVNS
;
_entity_poly.pdbx_strand_id   A
#
loop_
_chem_comp.id
_chem_comp.type
_chem_comp.name
_chem_comp.formula
CA non-polymer 'CALCIUM ION' 'Ca 2'
EDO non-polymer 1,2-ETHANEDIOL 'C2 H6 O2'
FUC L-saccharide, alpha linking alpha-L-fucopyranose 'C6 H12 O5'
HEM non-polymer 'PROTOPORPHYRIN IX CONTAINING FE' 'C34 H32 Fe N4 O4'
MAN D-saccharide, alpha linking alpha-D-mannopyranose 'C6 H12 O6'
MES non-polymer '2-(N-MORPHOLINO)-ETHANESULFONIC ACID' 'C6 H13 N O4 S'
NAG D-saccharide, beta linking 2-acetamido-2-deoxy-beta-D-glucopyranose 'C8 H15 N O6'
PEO non-polymer 'HYDROGEN PEROXIDE' 'H2 O2'
SO4 non-polymer 'SULFATE ION' 'O4 S -2'
XYZ D-saccharide, beta linking beta-D-xylofuranose 'C5 H10 O5'
#
# COMPACT_ATOMS: atom_id res chain seq x y z
N ASP A 1 5.21 19.35 -14.62
CA ASP A 1 4.98 18.05 -14.00
C ASP A 1 5.79 17.93 -12.71
N LEU A 2 5.64 16.81 -12.01
CA LEU A 2 6.44 16.58 -10.81
C LEU A 2 7.91 16.51 -11.20
N GLN A 3 8.77 17.01 -10.31
CA GLN A 3 10.20 16.95 -10.54
C GLN A 3 10.91 16.49 -9.27
N ILE A 4 11.94 15.67 -9.43
CA ILE A 4 12.77 15.28 -8.31
C ILE A 4 13.43 16.52 -7.72
N GLY A 5 13.40 16.63 -6.40
CA GLY A 5 14.02 17.77 -5.74
C GLY A 5 13.25 19.06 -5.94
N PHE A 6 11.92 18.95 -6.00
CA PHE A 6 11.05 20.11 -6.09
C PHE A 6 11.37 21.14 -5.00
N TYR A 7 11.81 20.64 -3.84
CA TYR A 7 12.08 21.51 -2.69
C TYR A 7 13.55 21.89 -2.54
N ASN A 8 14.32 21.70 -3.61
CA ASN A 8 15.76 22.03 -3.60
C ASN A 8 16.04 23.37 -2.94
N THR A 9 15.21 24.37 -3.25
CA THR A 9 15.40 25.71 -2.75
C THR A 9 14.46 26.04 -1.58
N SER A 10 13.19 25.68 -1.72
CA SER A 10 12.18 26.06 -0.74
C SER A 10 12.24 25.28 0.57
N CYS A 11 12.77 24.06 0.51
CA CYS A 11 12.99 23.26 1.73
C CYS A 11 14.03 22.16 1.51
N PRO A 12 15.31 22.55 1.54
CA PRO A 12 16.42 21.64 1.23
C PRO A 12 16.44 20.37 2.08
N THR A 13 15.96 20.45 3.32
CA THR A 13 16.01 19.29 4.21
C THR A 13 14.68 18.54 4.31
N ALA A 14 13.72 18.89 3.45
CA ALA A 14 12.39 18.28 3.51
C ALA A 14 12.45 16.76 3.55
N GLU A 15 13.15 16.16 2.60
CA GLU A 15 13.16 14.70 2.48
C GLU A 15 13.93 14.00 3.61
N SER A 16 14.98 14.64 4.11
CA SER A 16 15.73 14.07 5.22
CA SER A 16 15.73 14.08 5.23
C SER A 16 14.90 14.10 6.51
N LEU A 17 14.14 15.18 6.69
CA LEU A 17 13.28 15.29 7.88
C LEU A 17 12.22 14.19 7.90
N VAL A 18 11.63 13.93 6.75
CA VAL A 18 10.64 12.87 6.65
C VAL A 18 11.28 11.52 6.94
N GLN A 19 12.43 11.28 6.33
CA GLN A 19 13.11 10.00 6.47
C GLN A 19 13.46 9.73 7.92
N GLN A 20 13.85 10.78 8.65
CA GLN A 20 14.22 10.65 10.05
C GLN A 20 13.00 10.34 10.93
N ALA A 21 11.84 10.91 10.58
CA ALA A 21 10.61 10.59 11.30
C ALA A 21 10.18 9.15 11.03
N VAL A 22 10.31 8.71 9.78
CA VAL A 22 9.95 7.36 9.40
C VAL A 22 10.90 6.36 10.07
N ALA A 23 12.19 6.66 10.04
CA ALA A 23 13.18 5.79 10.66
C ALA A 23 12.94 5.62 12.16
N ALA A 24 12.62 6.72 12.84
CA ALA A 24 12.33 6.67 14.28
C ALA A 24 11.11 5.82 14.55
N ALA A 25 10.06 6.00 13.75
CA ALA A 25 8.83 5.23 13.92
C ALA A 25 9.05 3.74 13.62
N PHE A 26 9.91 3.46 12.64
CA PHE A 26 10.18 2.09 12.21
C PHE A 26 10.93 1.34 13.29
N ALA A 27 11.86 2.02 13.95
CA ALA A 27 12.58 1.43 15.08
C ALA A 27 11.63 1.06 16.20
N ASN A 28 10.62 1.89 16.40
CA ASN A 28 9.58 1.65 17.41
C ASN A 28 8.63 0.52 17.01
N ASN A 29 8.25 0.50 15.73
CA ASN A 29 7.29 -0.46 15.21
C ASN A 29 7.51 -0.66 13.71
N SER A 30 8.03 -1.83 13.34
CA SER A 30 8.36 -2.09 11.95
C SER A 30 7.14 -2.10 11.06
N GLY A 31 5.97 -2.25 11.68
CA GLY A 31 4.71 -2.28 10.93
C GLY A 31 4.36 -0.97 10.24
N ILE A 32 5.02 0.11 10.62
CA ILE A 32 4.73 1.39 9.97
C ILE A 32 5.22 1.40 8.51
N ALA A 33 6.18 0.55 8.19
CA ALA A 33 6.69 0.47 6.81
C ALA A 33 5.62 -0.03 5.82
N PRO A 34 5.06 -1.22 6.06
CA PRO A 34 3.96 -1.65 5.19
C PRO A 34 2.77 -0.70 5.30
N GLY A 35 2.52 -0.19 6.50
CA GLY A 35 1.42 0.74 6.71
C GLY A 35 1.51 1.93 5.76
N LEU A 36 2.68 2.53 5.67
CA LEU A 36 2.87 3.74 4.85
C LEU A 36 2.87 3.46 3.35
N ILE A 37 3.44 2.34 2.96
CA ILE A 37 3.43 1.95 1.55
C ILE A 37 1.99 1.73 1.09
N ARG A 38 1.22 1.01 1.90
CA ARG A 38 -0.18 0.77 1.58
C ARG A 38 -0.98 2.07 1.61
N MET A 39 -0.66 2.95 2.55
CA MET A 39 -1.34 4.23 2.65
C MET A 39 -1.13 5.07 1.39
N HIS A 40 0.10 5.07 0.87
CA HIS A 40 0.41 5.81 -0.35
C HIS A 40 -0.36 5.24 -1.54
N PHE A 41 -0.43 3.91 -1.62
CA PHE A 41 -1.24 3.23 -2.63
C PHE A 41 -2.70 3.70 -2.53
N HIS A 42 -3.26 3.69 -1.33
CA HIS A 42 -4.65 4.08 -1.14
C HIS A 42 -4.87 5.56 -1.43
N ASP A 43 -3.84 6.38 -1.22
CA ASP A 43 -3.92 7.77 -1.64
C ASP A 43 -4.03 7.82 -3.16
N CYS A 44 -3.09 7.20 -3.85
CA CYS A 44 -3.00 7.34 -5.29
C CYS A 44 -4.20 6.76 -6.06
N PHE A 45 -4.88 5.79 -5.48
CA PHE A 45 -6.01 5.16 -6.16
C PHE A 45 -7.36 5.84 -5.95
N VAL A 46 -7.40 6.91 -5.17
CA VAL A 46 -8.64 7.67 -5.03
C VAL A 46 -8.37 9.15 -5.25
N ARG A 47 -8.84 9.70 -6.36
CA ARG A 47 -8.59 11.11 -6.67
C ARG A 47 -7.09 11.42 -6.79
N GLY A 48 -6.29 10.42 -7.11
CA GLY A 48 -4.86 10.64 -7.33
C GLY A 48 -4.09 10.88 -6.04
N CYS A 49 -2.78 10.99 -6.15
CA CYS A 49 -1.92 11.15 -4.98
C CYS A 49 -2.01 12.58 -4.45
N ASP A 50 -3.07 12.87 -3.70
CA ASP A 50 -3.38 14.24 -3.27
C ASP A 50 -3.63 14.32 -1.77
N ALA A 51 -3.16 13.32 -1.03
CA ALA A 51 -3.31 13.28 0.42
C ALA A 51 -4.76 13.24 0.91
N SER A 52 -5.69 12.93 0.02
CA SER A 52 -7.09 12.87 0.43
C SER A 52 -7.33 11.81 1.52
N VAL A 53 -6.58 10.72 1.45
CA VAL A 53 -6.73 9.62 2.41
C VAL A 53 -6.42 10.04 3.85
N LEU A 54 -5.66 11.12 4.01
CA LEU A 54 -5.22 11.56 5.34
C LEU A 54 -6.27 12.35 6.13
N LEU A 55 -7.30 12.81 5.44
CA LEU A 55 -8.28 13.70 6.06
C LEU A 55 -9.22 12.96 7.02
N ASP A 56 -9.37 13.50 8.22
CA ASP A 56 -10.29 12.93 9.22
C ASP A 56 -11.73 13.23 8.82
N SER A 57 -12.63 12.31 9.15
CA SER A 57 -14.05 12.57 8.99
C SER A 57 -14.48 13.70 9.91
N THR A 58 -15.52 14.41 9.50
CA THR A 58 -16.06 15.51 10.30
C THR A 58 -17.57 15.31 10.45
N ALA A 59 -18.22 16.22 11.16
CA ALA A 59 -19.65 16.11 11.38
C ALA A 59 -20.44 15.99 10.08
N ASN A 60 -19.96 16.67 9.03
CA ASN A 60 -20.71 16.76 7.79
C ASN A 60 -20.10 15.97 6.64
N ASN A 61 -19.02 15.25 6.92
CA ASN A 61 -18.31 14.54 5.87
C ASN A 61 -17.68 13.24 6.37
N THR A 62 -18.09 12.13 5.79
CA THR A 62 -17.47 10.84 6.11
C THR A 62 -16.34 10.59 5.13
N ALA A 63 -15.11 10.69 5.62
CA ALA A 63 -13.92 10.68 4.79
C ALA A 63 -13.45 9.27 4.41
N GLU A 64 -12.45 9.21 3.53
CA GLU A 64 -11.93 7.94 3.06
C GLU A 64 -11.50 7.03 4.22
N LYS A 65 -11.00 7.65 5.29
CA LYS A 65 -10.54 6.92 6.46
C LYS A 65 -11.54 5.89 6.96
N ASP A 66 -12.83 6.19 6.80
CA ASP A 66 -13.88 5.34 7.35
C ASP A 66 -14.44 4.34 6.35
N ALA A 67 -13.86 4.29 5.16
CA ALA A 67 -14.26 3.31 4.16
C ALA A 67 -13.95 1.90 4.61
N ILE A 68 -14.67 0.93 4.05
CA ILE A 68 -14.49 -0.48 4.39
C ILE A 68 -13.03 -0.94 4.31
N PRO A 69 -12.37 -0.68 3.17
CA PRO A 69 -10.97 -1.14 3.04
C PRO A 69 -10.00 -0.40 3.98
N ASN A 70 -10.42 0.74 4.53
CA ASN A 70 -9.50 1.61 5.27
C ASN A 70 -9.62 1.57 6.80
N ASN A 71 -10.83 1.34 7.29
CA ASN A 71 -11.07 1.36 8.74
C ASN A 71 -11.38 -0.04 9.23
N PRO A 72 -10.59 -0.55 10.19
CA PRO A 72 -9.46 0.09 10.89
C PRO A 72 -8.08 -0.30 10.38
N SER A 73 -7.98 -0.82 9.16
CA SER A 73 -6.72 -1.42 8.71
C SER A 73 -5.59 -0.44 8.38
N LEU A 74 -5.92 0.76 7.92
CA LEU A 74 -4.86 1.73 7.61
C LEU A 74 -4.06 2.04 8.88
N ARG A 75 -2.75 2.17 8.73
CA ARG A 75 -1.92 2.52 9.88
C ARG A 75 -0.69 3.31 9.44
N GLY A 76 -0.19 4.16 10.34
CA GLY A 76 0.96 4.99 10.06
C GLY A 76 0.64 6.48 10.04
N PHE A 77 -0.61 6.82 10.35
CA PHE A 77 -1.04 8.20 10.31
C PHE A 77 -0.17 9.07 11.21
N GLU A 78 0.22 8.52 12.36
CA GLU A 78 1.00 9.27 13.33
C GLU A 78 2.40 9.62 12.81
N VAL A 79 2.95 8.77 11.95
CA VAL A 79 4.26 9.03 11.36
C VAL A 79 4.17 10.23 10.42
N ILE A 80 3.11 10.29 9.63
CA ILE A 80 2.90 11.42 8.74
C ILE A 80 2.75 12.71 9.56
N THR A 81 1.97 12.63 10.64
CA THR A 81 1.79 13.78 11.52
C THR A 81 3.12 14.25 12.09
N ALA A 82 3.94 13.30 12.53
CA ALA A 82 5.25 13.63 13.10
C ALA A 82 6.17 14.25 12.06
N ALA A 83 6.17 13.69 10.85
CA ALA A 83 7.00 14.22 9.77
C ALA A 83 6.55 15.62 9.39
N LYS A 84 5.24 15.81 9.27
CA LYS A 84 4.66 17.11 8.94
C LYS A 84 5.00 18.16 9.99
N SER A 85 4.99 17.75 11.26
CA SER A 85 5.33 18.64 12.35
C SER A 85 6.75 19.17 12.17
N ALA A 86 7.68 18.27 11.86
CA ALA A 86 9.08 18.63 11.68
C ALA A 86 9.27 19.54 10.47
N VAL A 87 8.64 19.18 9.36
CA VAL A 87 8.79 19.93 8.12
C VAL A 87 8.19 21.33 8.23
N GLU A 88 7.04 21.46 8.89
CA GLU A 88 6.43 22.76 9.09
C GLU A 88 7.31 23.66 9.96
N ALA A 89 8.01 23.05 10.91
CA ALA A 89 8.89 23.82 11.78
C ALA A 89 10.12 24.30 11.01
N ALA A 90 10.60 23.47 10.08
CA ALA A 90 11.81 23.79 9.32
C ALA A 90 11.53 24.66 8.11
N CYS A 91 10.37 24.48 7.49
CA CYS A 91 10.00 25.23 6.28
CA CYS A 91 10.00 25.26 6.30
C CYS A 91 8.49 25.46 6.25
N PRO A 92 8.01 26.47 6.99
CA PRO A 92 6.59 26.76 7.16
C PRO A 92 5.78 26.76 5.86
N GLN A 93 4.66 26.04 5.86
CA GLN A 93 3.69 26.09 4.77
C GLN A 93 4.31 25.87 3.39
N THR A 94 5.21 24.90 3.28
CA THR A 94 5.93 24.69 2.03
C THR A 94 5.70 23.30 1.44
N VAL A 95 5.86 22.27 2.27
CA VAL A 95 5.83 20.89 1.80
C VAL A 95 4.45 20.24 1.93
N SER A 96 3.93 19.70 0.83
CA SER A 96 2.59 19.12 0.84
C SER A 96 2.53 17.80 1.59
N CYS A 97 1.38 17.51 2.19
CA CYS A 97 1.16 16.22 2.81
C CYS A 97 1.24 15.09 1.79
N ALA A 98 0.82 15.38 0.56
CA ALA A 98 0.87 14.39 -0.50
C ALA A 98 2.31 13.97 -0.81
N ASP A 99 3.22 14.95 -0.86
CA ASP A 99 4.63 14.66 -1.08
C ASP A 99 5.23 13.92 0.11
N ILE A 100 4.86 14.34 1.31
CA ILE A 100 5.37 13.68 2.51
C ILE A 100 5.02 12.19 2.51
N LEU A 101 3.79 11.87 2.12
N LEU A 101 3.79 11.87 2.13
CA LEU A 101 3.35 10.48 2.08
CA LEU A 101 3.35 10.48 2.08
C LEU A 101 4.14 9.69 1.04
C LEU A 101 4.12 9.68 1.03
N ALA A 102 4.34 10.31 -0.13
CA ALA A 102 5.14 9.68 -1.18
C ALA A 102 6.58 9.46 -0.72
N PHE A 103 7.17 10.48 -0.09
CA PHE A 103 8.52 10.35 0.47
C PHE A 103 8.57 9.22 1.50
N ALA A 104 7.56 9.18 2.37
CA ALA A 104 7.52 8.23 3.47
C ALA A 104 7.40 6.78 2.98
N ALA A 105 6.65 6.57 1.90
CA ALA A 105 6.54 5.24 1.33
C ALA A 105 7.89 4.79 0.77
N ARG A 106 8.61 5.72 0.14
CA ARG A 106 9.95 5.43 -0.37
C ARG A 106 10.90 5.08 0.77
N ASP A 107 10.86 5.88 1.84
CA ASP A 107 11.70 5.63 3.01
C ASP A 107 11.38 4.28 3.63
N SER A 108 10.11 3.90 3.60
CA SER A 108 9.67 2.61 4.13
C SER A 108 10.20 1.44 3.32
N ALA A 109 10.18 1.57 2.00
CA ALA A 109 10.73 0.54 1.12
C ALA A 109 12.23 0.36 1.38
N ASN A 110 12.91 1.45 1.68
CA ASN A 110 14.33 1.40 1.97
C ASN A 110 14.60 0.68 3.30
N LEU A 111 13.81 1.01 4.31
CA LEU A 111 13.97 0.40 5.62
C LEU A 111 13.63 -1.08 5.62
N ALA A 112 12.57 -1.45 4.88
CA ALA A 112 12.06 -2.83 4.88
C ALA A 112 12.75 -3.76 3.89
N GLY A 113 13.35 -3.21 2.84
CA GLY A 113 13.94 -4.04 1.81
C GLY A 113 15.18 -3.49 1.13
N ASN A 114 15.71 -2.37 1.62
CA ASN A 114 16.88 -1.75 1.02
C ASN A 114 16.58 -1.39 -0.44
N ILE A 115 15.32 -1.12 -0.72
CA ILE A 115 14.92 -0.66 -2.04
C ILE A 115 14.81 0.86 -1.98
N THR A 116 15.63 1.54 -2.77
CA THR A 116 15.60 3.00 -2.77
C THR A 116 15.49 3.60 -4.15
N TYR A 117 14.91 4.79 -4.20
CA TYR A 117 14.71 5.49 -5.46
C TYR A 117 14.42 6.94 -5.15
N GLN A 118 14.58 7.80 -6.15
CA GLN A 118 14.24 9.21 -6.02
C GLN A 118 12.76 9.41 -6.33
N VAL A 119 12.13 10.31 -5.59
CA VAL A 119 10.70 10.55 -5.70
C VAL A 119 10.42 11.92 -6.31
N PRO A 120 9.81 11.95 -7.50
CA PRO A 120 9.39 13.24 -8.04
C PRO A 120 8.42 13.90 -7.07
N SER A 121 8.52 15.21 -6.89
CA SER A 121 7.65 15.90 -5.95
C SER A 121 7.06 17.18 -6.53
N GLY A 122 6.30 17.90 -5.71
CA GLY A 122 5.55 19.05 -6.19
C GLY A 122 4.05 18.78 -6.20
N ARG A 123 3.64 17.66 -5.60
CA ARG A 123 2.23 17.34 -5.46
C ARG A 123 1.56 18.38 -4.57
N ARG A 124 0.28 18.64 -4.84
CA ARG A 124 -0.50 19.53 -3.99
C ARG A 124 -1.58 18.75 -3.26
N ASP A 125 -2.06 19.30 -2.15
CA ASP A 125 -3.05 18.61 -1.32
C ASP A 125 -4.47 18.96 -1.74
N GLY A 126 -5.30 17.92 -1.93
CA GLY A 126 -6.70 18.11 -2.29
C GLY A 126 -7.55 18.47 -1.08
N THR A 127 -8.82 18.77 -1.32
CA THR A 127 -9.70 19.22 -0.24
C THR A 127 -10.95 18.37 -0.15
N VAL A 128 -10.95 17.22 -0.82
CA VAL A 128 -12.09 16.31 -0.82
C VAL A 128 -11.66 14.92 -0.36
N SER A 129 -12.49 14.29 0.46
CA SER A 129 -12.24 12.92 0.90
C SER A 129 -13.54 12.23 1.27
N LEU A 130 -13.89 11.19 0.53
CA LEU A 130 -15.17 10.52 0.70
C LEU A 130 -15.02 9.01 0.87
N ALA A 131 -15.59 8.47 1.94
CA ALA A 131 -15.63 7.03 2.15
C ALA A 131 -16.23 6.33 0.93
N SER A 132 -17.24 6.95 0.34
CA SER A 132 -17.92 6.32 -0.80
C SER A 132 -16.96 6.08 -1.95
N GLU A 133 -16.06 7.03 -2.20
CA GLU A 133 -15.09 6.91 -3.29
C GLU A 133 -14.04 5.84 -3.00
N ALA A 134 -13.54 5.81 -1.78
CA ALA A 134 -12.58 4.77 -1.40
C ALA A 134 -13.23 3.39 -1.50
N ASN A 135 -14.47 3.27 -1.02
CA ASN A 135 -15.20 2.01 -1.12
C ASN A 135 -15.24 1.49 -2.54
N ALA A 136 -15.43 2.40 -3.50
CA ALA A 136 -15.57 2.02 -4.91
C ALA A 136 -14.24 1.82 -5.63
N GLN A 137 -13.21 2.57 -5.23
CA GLN A 137 -11.97 2.65 -6.00
C GLN A 137 -10.86 1.70 -5.52
N ILE A 138 -10.87 1.34 -4.25
CA ILE A 138 -9.85 0.43 -3.74
C ILE A 138 -10.21 -1.00 -4.16
N PRO A 139 -9.27 -1.69 -4.81
CA PRO A 139 -9.50 -3.07 -5.28
C PRO A 139 -9.82 -4.01 -4.13
N SER A 140 -10.64 -5.03 -4.40
CA SER A 140 -11.01 -6.03 -3.40
C SER A 140 -10.09 -7.24 -3.50
N PRO A 141 -9.75 -7.85 -2.36
CA PRO A 141 -8.93 -9.07 -2.37
C PRO A 141 -9.70 -10.24 -2.96
N LEU A 142 -11.00 -10.07 -3.17
CA LEU A 142 -11.83 -11.12 -3.75
C LEU A 142 -11.78 -11.08 -5.28
N PHE A 143 -11.18 -10.05 -5.84
CA PHE A 143 -11.10 -9.89 -7.30
C PHE A 143 -10.35 -11.04 -7.98
N ASN A 144 -10.73 -11.35 -9.21
CA ASN A 144 -9.95 -12.27 -10.03
C ASN A 144 -8.94 -11.50 -10.89
N ALA A 145 -8.14 -12.22 -11.65
CA ALA A 145 -7.09 -11.61 -12.46
C ALA A 145 -7.59 -10.49 -13.38
N THR A 146 -8.67 -10.77 -14.11
CA THR A 146 -9.24 -9.78 -15.02
C THR A 146 -9.64 -8.50 -14.29
N GLN A 147 -10.28 -8.66 -13.13
CA GLN A 147 -10.73 -7.52 -12.35
C GLN A 147 -9.56 -6.69 -11.81
N LEU A 148 -8.49 -7.36 -11.41
CA LEU A 148 -7.29 -6.69 -10.92
C LEU A 148 -6.62 -5.89 -12.05
N ILE A 149 -6.48 -6.52 -13.21
CA ILE A 149 -5.89 -5.87 -14.36
C ILE A 149 -6.69 -4.62 -14.75
N ASN A 150 -8.01 -4.76 -14.83
CA ASN A 150 -8.89 -3.64 -15.20
C ASN A 150 -8.85 -2.50 -14.19
N SER A 151 -8.85 -2.85 -12.90
CA SER A 151 -8.73 -1.86 -11.84
C SER A 151 -7.49 -1.01 -12.04
N PHE A 152 -6.35 -1.69 -12.24
CA PHE A 152 -5.07 -1.01 -12.39
C PHE A 152 -4.95 -0.25 -13.72
N ALA A 153 -5.54 -0.81 -14.78
CA ALA A 153 -5.50 -0.14 -16.08
C ALA A 153 -6.18 1.22 -16.02
N ASN A 154 -7.24 1.30 -15.23
CA ASN A 154 -7.97 2.56 -15.07
C ASN A 154 -7.15 3.60 -14.31
N LYS A 155 -6.08 3.14 -13.67
CA LYS A 155 -5.19 4.02 -12.91
C LYS A 155 -3.82 4.14 -13.59
N THR A 156 -3.79 3.88 -14.89
CA THR A 156 -2.62 4.06 -15.75
C THR A 156 -1.56 2.95 -15.66
N LEU A 157 -1.83 1.95 -14.85
CA LEU A 157 -0.83 0.90 -14.59
C LEU A 157 -1.09 -0.37 -15.40
N THR A 158 -0.04 -0.92 -15.97
CA THR A 158 -0.14 -2.11 -16.81
C THR A 158 -0.37 -3.36 -15.97
N ALA A 159 -0.72 -4.45 -16.63
CA ALA A 159 -0.90 -5.73 -15.94
C ALA A 159 0.39 -6.15 -15.26
N ASP A 160 1.51 -5.96 -15.93
CA ASP A 160 2.80 -6.32 -15.35
C ASP A 160 3.15 -5.43 -14.16
N GLU A 161 2.78 -4.16 -14.24
CA GLU A 161 3.03 -3.23 -13.14
C GLU A 161 2.17 -3.59 -11.94
N MET A 162 0.97 -4.10 -12.20
CA MET A 162 0.10 -4.61 -11.15
C MET A 162 0.77 -5.78 -10.42
N VAL A 163 1.33 -6.71 -11.20
CA VAL A 163 2.03 -7.85 -10.62
C VAL A 163 3.23 -7.40 -9.79
N THR A 164 3.99 -6.44 -10.33
CA THR A 164 5.14 -5.88 -9.63
C THR A 164 4.76 -5.24 -8.30
N LEU A 165 3.73 -4.40 -8.33
CA LEU A 165 3.30 -3.67 -7.14
C LEU A 165 2.68 -4.58 -6.08
N SER A 166 2.09 -5.69 -6.53
CA SER A 166 1.53 -6.68 -5.61
C SER A 166 2.61 -7.24 -4.70
N GLY A 167 3.86 -7.12 -5.13
CA GLY A 167 5.01 -7.56 -4.34
C GLY A 167 5.19 -6.79 -3.06
N ALA A 168 4.44 -5.69 -2.89
CA ALA A 168 4.41 -4.99 -1.61
C ALA A 168 3.87 -5.91 -0.51
N HIS A 169 3.13 -6.94 -0.90
CA HIS A 169 2.60 -7.93 0.05
C HIS A 169 3.71 -8.85 0.55
N SER A 170 4.94 -8.55 0.16
CA SER A 170 6.08 -9.27 0.68
C SER A 170 6.34 -8.89 2.13
N ILE A 171 5.65 -7.85 2.60
CA ILE A 171 5.72 -7.44 4.01
C ILE A 171 4.32 -7.14 4.51
N GLY A 172 4.17 -6.93 5.81
CA GLY A 172 2.90 -6.50 6.35
C GLY A 172 1.90 -7.62 6.58
N VAL A 173 0.67 -7.25 6.93
CA VAL A 173 -0.31 -8.21 7.39
C VAL A 173 -1.67 -8.00 6.77
N ALA A 174 -2.52 -9.00 6.93
CA ALA A 174 -3.92 -8.92 6.51
C ALA A 174 -4.80 -9.39 7.65
N HIS A 175 -5.92 -8.70 7.86
CA HIS A 175 -6.90 -9.14 8.84
C HIS A 175 -7.52 -10.45 8.37
N CYS A 176 -7.85 -11.32 9.31
CA CYS A 176 -8.54 -12.58 9.00
C CYS A 176 -9.65 -12.42 7.97
N SER A 177 -10.46 -11.38 8.13
CA SER A 177 -11.64 -11.19 7.28
C SER A 177 -11.31 -11.01 5.80
N SER A 178 -10.05 -10.66 5.49
CA SER A 178 -9.66 -10.44 4.10
CA SER A 178 -9.67 -10.44 4.09
C SER A 178 -9.41 -11.75 3.34
N PHE A 179 -9.33 -12.86 4.07
CA PHE A 179 -9.10 -14.15 3.41
C PHE A 179 -9.91 -15.32 3.98
N THR A 180 -10.82 -15.06 4.91
CA THR A 180 -11.67 -16.14 5.43
C THR A 180 -12.57 -16.73 4.34
N ASN A 181 -12.81 -15.97 3.28
CA ASN A 181 -13.53 -16.49 2.13
C ASN A 181 -12.90 -17.78 1.60
N ARG A 182 -11.58 -17.91 1.75
CA ARG A 182 -10.85 -19.08 1.25
C ARG A 182 -10.82 -20.21 2.28
N LEU A 183 -11.21 -19.91 3.51
CA LEU A 183 -11.08 -20.85 4.61
C LEU A 183 -12.39 -21.54 5.00
N TYR A 184 -13.51 -20.87 4.75
CA TYR A 184 -14.79 -21.40 5.17
C TYR A 184 -15.85 -21.27 4.07
N ASN A 185 -16.63 -22.34 3.91
CA ASN A 185 -17.76 -22.34 2.98
C ASN A 185 -17.40 -22.07 1.51
N PHE A 186 -16.15 -22.30 1.14
CA PHE A 186 -15.76 -22.22 -0.26
C PHE A 186 -16.52 -23.30 -1.02
N ASN A 187 -16.70 -23.10 -2.32
CA ASN A 187 -17.42 -24.08 -3.14
C ASN A 187 -16.52 -25.26 -3.45
N SER A 188 -16.36 -26.14 -2.47
CA SER A 188 -15.51 -27.32 -2.60
C SER A 188 -15.88 -28.32 -1.52
N GLY A 189 -15.37 -29.54 -1.65
CA GLY A 189 -15.65 -30.59 -0.69
C GLY A 189 -15.24 -30.22 0.72
N SER A 190 -14.03 -29.69 0.87
CA SER A 190 -13.51 -29.34 2.19
C SER A 190 -14.07 -28.02 2.70
N GLY A 191 -14.60 -27.20 1.79
CA GLY A 191 -15.06 -25.87 2.14
C GLY A 191 -13.90 -24.88 2.10
N ILE A 192 -12.74 -25.37 1.67
CA ILE A 192 -11.53 -24.56 1.58
C ILE A 192 -11.15 -24.38 0.12
N ASP A 193 -10.61 -23.22 -0.21
CA ASP A 193 -10.10 -22.93 -1.55
C ASP A 193 -9.03 -23.96 -1.91
N PRO A 194 -9.27 -24.75 -2.98
CA PRO A 194 -8.31 -25.77 -3.41
C PRO A 194 -6.95 -25.21 -3.86
N THR A 195 -6.89 -23.92 -4.18
CA THR A 195 -5.64 -23.31 -4.62
C THR A 195 -4.78 -22.83 -3.45
N LEU A 196 -5.28 -23.04 -2.24
CA LEU A 196 -4.54 -22.73 -1.02
C LEU A 196 -4.03 -24.04 -0.40
N SER A 197 -2.76 -24.09 -0.02
CA SER A 197 -2.23 -25.26 0.64
C SER A 197 -3.15 -25.69 1.77
N PRO A 198 -3.58 -26.96 1.75
CA PRO A 198 -4.45 -27.47 2.82
C PRO A 198 -3.77 -27.36 4.19
N SER A 199 -2.45 -27.48 4.24
CA SER A 199 -1.75 -27.39 5.51
C SER A 199 -1.70 -25.95 6.00
N TYR A 200 -1.49 -25.01 5.08
CA TYR A 200 -1.54 -23.58 5.41
C TYR A 200 -2.96 -23.24 5.87
N ALA A 201 -3.95 -23.74 5.13
CA ALA A 201 -5.36 -23.48 5.46
C ALA A 201 -5.70 -23.96 6.87
N ALA A 202 -5.24 -25.14 7.22
CA ALA A 202 -5.51 -25.71 8.54
C ALA A 202 -5.03 -24.78 9.66
N LEU A 203 -3.81 -24.26 9.50
CA LEU A 203 -3.24 -23.36 10.49
C LEU A 203 -3.96 -22.00 10.51
N LEU A 204 -4.32 -21.51 9.33
CA LEU A 204 -5.06 -20.25 9.24
C LEU A 204 -6.43 -20.37 9.92
N ARG A 205 -7.09 -21.50 9.74
CA ARG A 205 -8.40 -21.75 10.37
CA ARG A 205 -8.40 -21.72 10.37
C ARG A 205 -8.31 -21.73 11.90
N ASN A 206 -7.19 -22.21 12.42
CA ASN A 206 -7.00 -22.24 13.87
C ASN A 206 -6.75 -20.84 14.44
N THR A 207 -6.37 -19.93 13.56
CA THR A 207 -6.09 -18.55 13.95
C THR A 207 -7.28 -17.62 13.67
N CYS A 208 -7.98 -17.87 12.57
CA CYS A 208 -9.05 -16.99 12.10
C CYS A 208 -10.42 -17.65 12.15
N PRO A 209 -11.31 -17.15 13.02
CA PRO A 209 -12.68 -17.65 13.10
C PRO A 209 -13.49 -17.28 11.86
N ALA A 210 -14.46 -18.11 11.51
CA ALA A 210 -15.30 -17.86 10.34
C ALA A 210 -16.08 -16.55 10.46
N ASN A 211 -16.37 -16.11 11.69
CA ASN A 211 -17.16 -14.90 11.86
C ASN A 211 -16.33 -13.61 11.96
N SER A 212 -15.06 -13.70 11.58
CA SER A 212 -14.17 -12.54 11.58
C SER A 212 -14.72 -11.41 10.72
N THR A 213 -14.59 -10.17 11.21
CA THR A 213 -14.92 -8.99 10.41
C THR A 213 -13.67 -8.09 10.34
N ARG A 214 -13.77 -6.98 9.63
CA ARG A 214 -12.63 -6.07 9.51
CA ARG A 214 -12.62 -6.10 9.51
C ARG A 214 -12.20 -5.52 10.87
N PHE A 215 -13.10 -5.60 11.85
CA PHE A 215 -12.80 -5.09 13.19
C PHE A 215 -12.23 -6.16 14.12
N THR A 216 -12.23 -7.41 13.67
CA THR A 216 -11.66 -8.48 14.48
C THR A 216 -10.15 -8.32 14.49
N PRO A 217 -9.57 -8.03 15.67
CA PRO A 217 -8.15 -7.66 15.79
C PRO A 217 -7.20 -8.85 15.67
N ILE A 218 -7.36 -9.64 14.62
CA ILE A 218 -6.46 -10.75 14.36
C ILE A 218 -5.91 -10.58 12.94
N THR A 219 -4.59 -10.51 12.82
CA THR A 219 -3.95 -10.33 11.53
C THR A 219 -2.91 -11.41 11.31
N VAL A 220 -2.59 -11.64 10.03
CA VAL A 220 -1.64 -12.67 9.63
C VAL A 220 -0.70 -12.10 8.59
N SER A 221 0.59 -12.39 8.71
CA SER A 221 1.58 -11.92 7.74
C SER A 221 1.23 -12.37 6.33
N LEU A 222 1.28 -11.45 5.37
CA LEU A 222 0.98 -11.75 3.98
C LEU A 222 1.99 -12.71 3.37
N ASP A 223 3.25 -12.57 3.77
CA ASP A 223 4.32 -13.42 3.24
C ASP A 223 4.83 -14.34 4.33
N ILE A 224 4.52 -15.63 4.22
CA ILE A 224 4.89 -16.58 5.26
C ILE A 224 6.38 -16.88 5.24
N ILE A 225 7.06 -16.53 4.14
CA ILE A 225 8.48 -16.85 4.00
C ILE A 225 9.37 -15.82 4.69
N THR A 226 9.33 -14.57 4.24
CA THR A 226 10.06 -13.50 4.94
C THR A 226 9.11 -12.35 5.28
N PRO A 227 8.30 -12.50 6.33
CA PRO A 227 7.22 -11.54 6.62
C PRO A 227 7.67 -10.10 6.84
N SER A 228 8.94 -9.85 7.16
CA SER A 228 9.36 -8.48 7.44
CA SER A 228 9.42 -8.51 7.49
C SER A 228 10.43 -7.96 6.48
N VAL A 229 10.69 -8.70 5.41
CA VAL A 229 11.64 -8.23 4.40
C VAL A 229 10.91 -7.96 3.09
N LEU A 230 11.06 -6.74 2.57
CA LEU A 230 10.48 -6.40 1.28
C LEU A 230 11.35 -6.97 0.18
N ASP A 231 11.16 -8.26 -0.10
CA ASP A 231 11.93 -8.97 -1.11
C ASP A 231 10.96 -9.65 -2.07
N ASN A 232 11.48 -10.55 -2.89
CA ASN A 232 10.66 -11.23 -3.89
C ASN A 232 10.07 -12.56 -3.41
N MET A 233 10.17 -12.86 -2.11
CA MET A 233 9.67 -14.13 -1.59
CA MET A 233 9.66 -14.13 -1.59
C MET A 233 8.14 -14.21 -1.65
N TYR A 234 7.49 -13.06 -1.77
CA TYR A 234 6.04 -13.04 -1.96
C TYR A 234 5.69 -13.88 -3.20
N TYR A 235 6.48 -13.72 -4.26
CA TYR A 235 6.24 -14.42 -5.51
C TYR A 235 6.50 -15.91 -5.35
N THR A 236 7.60 -16.25 -4.70
CA THR A 236 7.88 -17.66 -4.46
CA THR A 236 7.92 -17.64 -4.38
C THR A 236 6.75 -18.31 -3.67
N GLY A 237 6.17 -17.60 -2.71
CA GLY A 237 5.05 -18.15 -1.96
C GLY A 237 3.82 -18.33 -2.84
N VAL A 238 3.58 -17.35 -3.70
CA VAL A 238 2.42 -17.41 -4.58
C VAL A 238 2.48 -18.63 -5.50
N GLN A 239 3.68 -18.98 -5.94
CA GLN A 239 3.87 -20.14 -6.83
C GLN A 239 3.71 -21.47 -6.11
N LEU A 240 3.74 -21.43 -4.78
CA LEU A 240 3.75 -22.65 -3.98
C LEU A 240 2.42 -22.88 -3.25
N THR A 241 1.38 -22.20 -3.70
CA THR A 241 0.04 -22.23 -3.09
C THR A 241 0.03 -21.59 -1.69
N LEU A 242 1.03 -20.75 -1.43
CA LEU A 242 1.11 -20.06 -0.14
C LEU A 242 0.71 -18.59 -0.21
N GLY A 243 0.27 -18.13 -1.38
CA GLY A 243 -0.27 -16.80 -1.49
C GLY A 243 -1.50 -16.73 -0.59
N LEU A 244 -1.61 -15.66 0.20
CA LEU A 244 -2.64 -15.58 1.24
C LEU A 244 -3.99 -15.07 0.74
N LEU A 245 -4.00 -13.98 -0.01
CA LEU A 245 -5.24 -13.41 -0.52
C LEU A 245 -5.70 -14.08 -1.81
N THR A 246 -7.01 -14.08 -2.03
CA THR A 246 -7.56 -14.52 -3.30
C THR A 246 -6.89 -13.76 -4.45
N SER A 247 -6.71 -12.46 -4.27
CA SER A 247 -6.08 -11.62 -5.29
C SER A 247 -4.58 -11.93 -5.47
N ASP A 248 -3.95 -12.49 -4.44
CA ASP A 248 -2.56 -12.92 -4.54
C ASP A 248 -2.49 -14.15 -5.45
N GLN A 249 -3.30 -15.15 -5.13
CA GLN A 249 -3.34 -16.39 -5.90
C GLN A 249 -3.78 -16.12 -7.34
N ALA A 250 -4.65 -15.12 -7.52
CA ALA A 250 -5.10 -14.72 -8.85
C ALA A 250 -3.93 -14.52 -9.82
N LEU A 251 -2.77 -14.16 -9.28
CA LEU A 251 -1.61 -13.84 -10.12
C LEU A 251 -1.03 -15.04 -10.85
N VAL A 252 -1.47 -16.25 -10.51
CA VAL A 252 -1.01 -17.43 -11.23
C VAL A 252 -2.15 -18.12 -11.98
N THR A 253 -3.24 -17.39 -12.21
CA THR A 253 -4.39 -17.96 -12.90
C THR A 253 -4.45 -17.55 -14.37
N GLU A 254 -3.48 -16.76 -14.81
CA GLU A 254 -3.40 -16.37 -16.21
CA GLU A 254 -3.40 -16.33 -16.21
C GLU A 254 -1.95 -16.38 -16.69
N ALA A 255 -1.75 -16.88 -17.91
CA ALA A 255 -0.43 -17.09 -18.48
C ALA A 255 0.57 -15.95 -18.27
N ASN A 256 0.20 -14.74 -18.67
CA ASN A 256 1.11 -13.60 -18.58
C ASN A 256 1.43 -13.21 -17.15
N LEU A 257 0.44 -13.29 -16.28
CA LEU A 257 0.66 -12.98 -14.88
C LEU A 257 1.57 -14.05 -14.26
N SER A 258 1.28 -15.31 -14.56
CA SER A 258 2.07 -16.42 -14.03
CA SER A 258 2.07 -16.40 -14.01
C SER A 258 3.54 -16.31 -14.43
N ALA A 259 3.78 -15.89 -15.67
CA ALA A 259 5.14 -15.72 -16.18
C ALA A 259 5.86 -14.60 -15.42
N ALA A 260 5.14 -13.54 -15.11
CA ALA A 260 5.70 -12.42 -14.35
C ALA A 260 6.03 -12.85 -12.92
N VAL A 261 5.13 -13.60 -12.30
CA VAL A 261 5.38 -14.13 -10.97
C VAL A 261 6.65 -14.98 -10.97
N LYS A 262 6.76 -15.84 -11.97
CA LYS A 262 7.93 -16.72 -12.10
C LYS A 262 9.21 -15.90 -12.22
N ALA A 263 9.16 -14.89 -13.08
CA ALA A 263 10.34 -14.06 -13.33
C ALA A 263 10.76 -13.31 -12.08
N ASN A 264 9.78 -12.78 -11.34
CA ASN A 264 10.07 -12.02 -10.13
C ASN A 264 10.62 -12.91 -9.01
N ALA A 265 10.09 -14.12 -8.91
CA ALA A 265 10.56 -15.08 -7.90
C ALA A 265 12.00 -15.51 -8.15
N MET A 266 12.42 -15.46 -9.41
CA MET A 266 13.75 -15.91 -9.84
CA MET A 266 13.75 -15.94 -9.74
C MET A 266 14.82 -14.86 -9.67
N ASN A 267 14.43 -13.59 -9.66
CA ASN A 267 15.41 -12.51 -9.67
C ASN A 267 15.03 -11.32 -8.81
N LEU A 268 15.58 -11.27 -7.60
CA LEU A 268 15.31 -10.20 -6.66
C LEU A 268 15.70 -8.83 -7.20
N THR A 269 16.91 -8.72 -7.75
CA THR A 269 17.42 -7.46 -8.27
C THR A 269 16.51 -6.89 -9.34
N ALA A 270 16.06 -7.76 -10.24
CA ALA A 270 15.19 -7.35 -11.34
C ALA A 270 13.85 -6.87 -10.83
N TRP A 271 13.23 -7.63 -9.93
CA TRP A 271 11.95 -7.22 -9.37
C TRP A 271 12.06 -5.92 -8.58
N ALA A 272 13.09 -5.82 -7.75
CA ALA A 272 13.28 -4.63 -6.91
C ALA A 272 13.40 -3.37 -7.76
N SER A 273 14.10 -3.47 -8.88
CA SER A 273 14.24 -2.33 -9.77
C SER A 273 12.89 -1.95 -10.37
N LYS A 274 12.13 -2.95 -10.78
CA LYS A 274 10.79 -2.73 -11.33
C LYS A 274 9.84 -2.18 -10.28
N PHE A 275 9.98 -2.64 -9.04
CA PHE A 275 9.14 -2.14 -7.95
C PHE A 275 9.40 -0.65 -7.73
N ALA A 276 10.66 -0.27 -7.67
CA ALA A 276 11.02 1.14 -7.52
C ALA A 276 10.39 1.97 -8.64
N GLN A 277 10.55 1.51 -9.87
CA GLN A 277 10.01 2.24 -11.03
C GLN A 277 8.48 2.32 -10.97
N ALA A 278 7.85 1.23 -10.56
CA ALA A 278 6.39 1.21 -10.48
C ALA A 278 5.86 2.10 -9.36
N MET A 279 6.58 2.16 -8.24
CA MET A 279 6.20 3.06 -7.15
C MET A 279 6.24 4.52 -7.64
N VAL A 280 7.29 4.85 -8.38
CA VAL A 280 7.41 6.21 -8.94
C VAL A 280 6.23 6.51 -9.88
N LYS A 281 5.86 5.55 -10.71
CA LYS A 281 4.73 5.75 -11.62
C LYS A 281 3.41 5.88 -10.86
N MET A 282 3.23 5.03 -9.86
CA MET A 282 2.02 5.07 -9.05
C MET A 282 1.87 6.43 -8.38
N GLY A 283 2.99 6.97 -7.92
CA GLY A 283 2.99 8.23 -7.19
C GLY A 283 2.75 9.45 -8.06
N GLN A 284 2.43 9.23 -9.34
CA GLN A 284 2.13 10.36 -10.21
C GLN A 284 0.73 10.28 -10.80
N ILE A 285 -0.09 9.38 -10.24
CA ILE A 285 -1.46 9.23 -10.70
C ILE A 285 -2.31 10.44 -10.32
N GLU A 286 -2.86 11.10 -11.33
CA GLU A 286 -3.80 12.20 -11.15
C GLU A 286 -3.37 13.22 -10.08
N VAL A 287 -2.12 13.65 -10.13
CA VAL A 287 -1.61 14.58 -9.12
C VAL A 287 -2.05 16.02 -9.38
N LEU A 288 -2.24 16.76 -8.29
CA LEU A 288 -2.49 18.19 -8.37
C LEU A 288 -1.14 18.90 -8.35
N THR A 289 -0.97 19.92 -9.19
CA THR A 289 0.31 20.61 -9.30
C THR A 289 0.14 22.13 -9.40
N GLY A 290 1.25 22.86 -9.34
CA GLY A 290 1.24 24.30 -9.53
C GLY A 290 0.48 25.04 -8.45
N THR A 291 -0.65 25.62 -8.82
CA THR A 291 -1.50 26.34 -7.87
C THR A 291 -2.77 25.57 -7.53
N GLN A 292 -2.91 24.38 -8.08
CA GLN A 292 -4.03 23.51 -7.77
C GLN A 292 -3.96 23.08 -6.30
N GLY A 293 -5.11 22.88 -5.68
CA GLY A 293 -5.16 22.46 -4.29
C GLY A 293 -4.40 23.42 -3.39
N GLU A 294 -3.86 22.90 -2.30
CA GLU A 294 -3.18 23.72 -1.32
C GLU A 294 -1.99 23.00 -0.70
N ILE A 295 -1.23 23.72 0.11
CA ILE A 295 -0.30 23.09 1.03
C ILE A 295 -1.03 22.97 2.38
N ARG A 296 -1.52 21.77 2.66
CA ARG A 296 -2.24 21.52 3.90
C ARG A 296 -1.26 21.66 5.07
N THR A 297 -1.61 22.46 6.08
CA THR A 297 -0.71 22.65 7.23
C THR A 297 -0.83 21.53 8.26
N ASN A 298 -2.05 21.02 8.42
CA ASN A 298 -2.35 19.92 9.31
C ASN A 298 -2.90 18.82 8.41
N CYS A 299 -2.14 17.74 8.25
CA CYS A 299 -2.50 16.72 7.26
C CYS A 299 -3.89 16.11 7.48
N SER A 300 -4.41 16.28 8.69
CA SER A 300 -5.68 15.65 9.06
C SER A 300 -6.91 16.50 8.75
N VAL A 301 -6.70 17.74 8.34
CA VAL A 301 -7.83 18.64 8.09
C VAL A 301 -7.51 19.66 6.99
N VAL A 302 -8.50 20.01 6.17
CA VAL A 302 -8.28 21.00 5.12
C VAL A 302 -7.99 22.35 5.76
N ASN A 303 -7.27 23.22 5.05
CA ASN A 303 -6.94 24.54 5.58
C ASN A 303 -8.19 25.41 5.76
N SER A 304 -8.16 26.26 6.78
CA SER A 304 -9.23 27.22 6.99
C SER A 304 -8.66 28.63 7.21
C1 NAG B . 17.43 19.29 -7.27
C2 NAG B . 16.96 19.32 -8.73
C3 NAG B . 17.35 18.03 -9.43
C4 NAG B . 18.84 17.79 -9.27
C5 NAG B . 19.24 17.86 -7.79
C6 NAG B . 20.74 17.69 -7.62
C7 NAG B . 15.00 20.60 -9.39
C8 NAG B . 13.52 20.63 -9.56
N2 NAG B . 15.53 19.52 -8.82
O3 NAG B . 16.99 18.11 -10.79
O4 NAG B . 19.16 16.53 -9.79
O5 NAG B . 18.82 19.08 -7.22
O6 NAG B . 21.42 18.64 -8.41
O7 NAG B . 15.67 21.56 -9.79
C1 NAG B . 20.24 16.34 -10.71
C2 NAG B . 20.70 14.92 -11.03
C3 NAG B . 21.79 14.90 -12.08
C4 NAG B . 21.45 15.79 -13.27
C5 NAG B . 21.00 17.17 -12.81
C6 NAG B . 20.56 18.01 -14.02
C7 NAG B . 20.57 13.18 -9.35
C8 NAG B . 21.20 12.54 -8.14
N2 NAG B . 21.16 14.27 -9.82
O3 NAG B . 21.97 13.58 -12.53
O4 NAG B . 22.58 15.92 -14.10
O5 NAG B . 19.94 17.08 -11.89
O6 NAG B . 20.10 19.27 -13.57
O7 NAG B . 19.57 12.67 -9.85
C1 MAN B . 22.73 15.06 -15.25
C2 MAN B . 23.57 16.03 -16.07
C3 MAN B . 23.55 15.62 -17.54
C4 MAN B . 23.41 14.11 -17.70
C5 MAN B . 22.18 13.58 -16.97
C6 MAN B . 22.52 12.31 -16.20
O2 MAN B . 24.89 16.00 -15.58
O3 MAN B . 24.74 16.06 -18.16
O4 MAN B . 23.28 13.80 -19.08
O5 MAN B . 21.70 14.55 -16.06
O6 MAN B . 22.77 11.26 -17.11
C1 MAN B . 25.93 16.22 -14.61
C2 MAN B . 25.95 15.82 -13.14
C3 MAN B . 27.38 15.77 -12.64
C4 MAN B . 28.13 16.99 -13.16
C5 MAN B . 27.13 18.03 -13.65
C6 MAN B . 27.82 19.35 -14.00
O2 MAN B . 25.34 14.55 -12.99
O3 MAN B . 28.01 14.60 -13.12
O4 MAN B . 28.90 17.52 -12.10
O5 MAN B . 26.42 17.54 -14.77
O6 MAN B . 28.26 19.98 -12.82
C1 MAN B . 24.95 16.43 -19.54
C2 MAN B . 25.81 16.73 -20.76
C3 MAN B . 26.03 18.23 -20.92
C4 MAN B . 26.22 18.96 -19.59
C5 MAN B . 25.22 18.50 -18.53
C6 MAN B . 24.47 19.67 -17.93
O2 MAN B . 25.18 16.22 -21.91
O3 MAN B . 24.92 18.78 -21.61
O4 MAN B . 27.53 18.74 -19.12
O5 MAN B . 24.29 17.62 -19.13
O6 MAN B . 23.37 19.99 -18.77
C4 XYZ B . 25.05 9.53 -17.90
O4 XYZ B . 24.20 9.54 -16.75
C1 XYZ B . 22.84 9.82 -17.10
C2 XYZ B . 22.76 9.84 -18.63
O2 XYZ B . 22.04 8.70 -19.10
C3 XYZ B . 24.20 9.81 -19.12
O3 XYZ B . 24.56 11.05 -19.71
C5 XYZ B . 26.16 10.57 -17.73
O5 XYZ B . 27.12 10.41 -18.79
C1 FUC B . 15.78 17.43 -11.18
C2 FUC B . 15.37 17.93 -12.57
C3 FUC B . 16.36 17.43 -13.61
C4 FUC B . 16.50 15.91 -13.49
C5 FUC B . 16.83 15.52 -12.06
C6 FUC B . 16.91 14.01 -11.91
O2 FUC B . 15.33 19.34 -12.58
O3 FUC B . 15.89 17.77 -14.89
O4 FUC B . 15.28 15.30 -13.88
O5 FUC B . 15.83 16.03 -11.20
C1 NAG C . 5.43 2.68 19.17
C2 NAG C . 4.94 4.01 19.70
C3 NAG C . 3.71 3.83 20.56
C4 NAG C . 2.65 3.10 19.75
C5 NAG C . 3.19 1.79 19.18
C6 NAG C . 2.17 1.15 18.25
C7 NAG C . 6.12 6.02 20.41
C8 NAG C . 5.58 6.72 19.20
N2 NAG C . 5.98 4.70 20.45
O3 NAG C . 3.23 5.08 20.99
O4 NAG C . 1.53 2.83 20.57
O5 NAG C . 4.40 1.98 18.47
O6 NAG C . 1.74 2.11 17.29
O7 NAG C . 6.66 6.67 21.31
C1 NAG C . 0.28 3.46 20.23
C2 NAG C . -0.85 2.66 20.89
C3 NAG C . -2.23 3.12 20.40
C4 NAG C . -2.33 4.64 20.50
C5 NAG C . -1.16 5.30 19.78
C6 NAG C . -1.24 6.81 19.88
C7 NAG C . -0.32 0.38 21.55
C8 NAG C . -0.29 -1.06 21.15
N2 NAG C . -0.68 1.25 20.61
O3 NAG C . -3.24 2.53 21.18
O4 NAG C . -3.54 5.07 19.93
O5 NAG C . 0.08 4.86 20.29
O6 NAG C . -0.27 7.40 19.05
O7 NAG C . 0.00 0.71 22.69
C1 MAN C . -4.56 5.59 20.80
C2 MAN C . -5.35 6.44 19.80
C3 MAN C . -6.49 7.16 20.49
C4 MAN C . -7.31 6.18 21.32
C5 MAN C . -6.40 5.37 22.25
C6 MAN C . -7.19 4.38 23.07
O2 MAN C . -5.85 5.60 18.78
O3 MAN C . -7.32 7.78 19.54
O4 MAN C . -8.28 6.88 22.08
O5 MAN C . -5.43 4.70 21.47
O6 MAN C . -7.83 3.45 22.22
C1 MAN C . -6.10 5.21 17.41
C2 MAN C . -5.01 4.36 16.77
C3 MAN C . -5.10 4.46 15.25
C4 MAN C . -5.87 5.69 14.81
C5 MAN C . -5.77 6.90 15.75
C6 MAN C . -6.91 7.87 15.48
O2 MAN C . -5.17 3.02 17.19
O3 MAN C . -5.75 3.32 14.73
O4 MAN C . -5.38 6.08 13.53
O5 MAN C . -5.79 6.56 17.13
O6 MAN C . -6.47 9.20 15.64
C1 FUC C . 3.42 5.76 22.25
C2 FUC C . 2.70 7.03 22.72
C3 FUC C . 1.24 6.74 23.01
C4 FUC C . 1.09 5.53 23.92
C5 FUC C . 1.90 4.36 23.37
C6 FUC C . 1.81 3.13 24.27
O2 FUC C . 2.82 8.03 21.74
O3 FUC C . 0.64 7.87 23.61
O4 FUC C . 1.56 5.85 25.21
O5 FUC C . 3.25 4.74 23.22
C1 NAG D . -13.48 -12.35 -13.40
C2 NAG D . -14.07 -13.54 -14.16
C3 NAG D . -14.92 -13.09 -15.34
C4 NAG D . -15.92 -12.03 -14.92
C5 NAG D . -15.33 -10.95 -14.01
C6 NAG D . -16.46 -10.15 -13.38
C7 NAG D . -13.09 -15.75 -14.50
C8 NAG D . -11.95 -16.53 -15.06
N2 NAG D . -13.02 -14.42 -14.65
O3 NAG D . -15.63 -14.18 -15.86
O4 NAG D . -16.40 -11.40 -16.09
O5 NAG D . -14.53 -11.50 -12.98
O6 NAG D . -16.11 -8.80 -13.31
O7 NAG D . -14.03 -16.30 -13.92
C1 FUC D . -15.29 -14.68 -17.18
C2 FUC D . -16.23 -15.87 -17.28
C3 FUC D . -17.66 -15.40 -17.53
C4 FUC D . -17.65 -14.51 -18.78
C5 FUC D . -16.66 -13.37 -18.57
C6 FUC D . -16.64 -12.45 -19.79
O2 FUC D . -16.20 -16.64 -16.09
O3 FUC D . -18.53 -16.49 -17.73
O4 FUC D . -17.23 -15.29 -19.87
O5 FUC D . -15.37 -13.90 -18.35
C1 NAG D . -17.76 -10.98 -16.31
C2 NAG D . -18.38 -10.25 -17.49
C3 NAG D . -19.88 -10.10 -17.32
C4 NAG D . -20.53 -11.43 -16.94
C5 NAG D . -19.79 -12.15 -15.82
C6 NAG D . -20.31 -13.56 -15.64
C7 NAG D . -16.60 -8.77 -18.24
C8 NAG D . -16.60 -8.99 -19.73
N2 NAG D . -17.76 -8.94 -17.60
O3 NAG D . -20.46 -9.62 -18.51
O4 NAG D . -21.85 -11.18 -16.53
O5 NAG D . -18.40 -12.22 -16.09
O6 NAG D . -21.67 -13.52 -15.24
O7 NAG D . -15.57 -8.43 -17.67
C1 NAG E . -17.42 -15.84 16.58
C2 NAG E . -18.44 -15.76 17.70
C3 NAG E . -17.91 -16.34 19.01
C4 NAG E . -17.28 -17.70 18.77
C5 NAG E . -16.28 -17.64 17.62
C6 NAG E . -15.67 -19.00 17.35
C7 NAG E . -20.05 -13.95 17.51
C8 NAG E . -20.23 -12.46 17.46
N2 NAG E . -18.85 -14.39 17.90
O3 NAG E . -18.95 -16.45 19.94
O4 NAG E . -16.63 -18.14 19.94
O5 NAG E . -16.91 -17.16 16.45
O6 NAG E . -16.67 -19.98 17.27
O7 NAG E . -20.98 -14.70 17.19
C1 FUC E . -18.97 -15.38 20.89
C2 FUC E . -20.34 -15.39 21.56
C3 FUC E . -20.44 -16.59 22.49
C4 FUC E . -19.28 -16.53 23.48
C5 FUC E . -17.97 -16.50 22.70
C6 FUC E . -16.77 -16.48 23.64
O2 FUC E . -21.35 -15.45 20.58
O3 FUC E . -21.68 -16.56 23.18
O4 FUC E . -19.39 -15.36 24.25
O5 FUC E . -17.95 -15.35 21.87
C1 NAG E . -16.74 -19.39 20.66
C2 NAG E . -15.80 -19.64 21.83
C3 NAG E . -16.07 -20.97 22.49
C4 NAG E . -17.55 -21.08 22.84
C5 NAG E . -18.41 -20.81 21.61
C6 NAG E . -19.89 -20.84 21.97
C7 NAG E . -13.71 -18.45 21.55
C8 NAG E . -12.27 -18.50 21.10
N2 NAG E . -14.42 -19.56 21.39
O3 NAG E . -15.30 -21.12 23.66
O4 NAG E . -17.83 -22.36 23.36
O5 NAG E . -18.10 -19.56 21.02
O6 NAG E . -20.65 -20.37 20.87
O7 NAG E . -14.17 -17.42 22.04
C1 NAG F . 18.70 -10.43 -12.49
C2 NAG F . 19.64 -10.91 -13.60
C3 NAG F . 20.73 -9.89 -13.92
C4 NAG F . 20.15 -8.49 -14.04
C5 NAG F . 19.25 -8.16 -12.85
C6 NAG F . 18.64 -6.77 -12.98
C7 NAG F . 20.13 -13.26 -13.97
C8 NAG F . 20.92 -14.45 -13.55
N2 NAG F . 20.25 -12.16 -13.22
O3 NAG F . 21.36 -10.23 -15.13
O4 NAG F . 21.21 -7.55 -14.09
O5 NAG F . 18.23 -9.12 -12.73
O6 NAG F . 17.91 -6.70 -14.18
O7 NAG F . 19.42 -13.30 -14.97
C1 NAG F . 21.42 -6.73 -15.25
C2 NAG F . 21.95 -5.37 -15.70
C3 NAG F . 21.30 -4.89 -16.98
C4 NAG F . 21.35 -6.00 -18.03
C5 NAG F . 20.72 -7.26 -17.47
C6 NAG F . 20.75 -8.38 -18.51
C7 NAG F . 22.05 -4.63 -13.37
C8 NAG F . 21.15 -4.02 -12.34
N2 NAG F . 21.77 -4.38 -14.65
O3 NAG F . 21.97 -3.75 -17.47
O4 NAG F . 20.66 -5.59 -19.20
O5 NAG F . 21.41 -7.68 -16.31
O6 NAG F . 19.80 -8.11 -19.51
O7 NAG F . 23.00 -5.33 -13.03
C1 NAG G . -5.07 18.54 13.12
C2 NAG G . -5.12 18.97 14.59
C3 NAG G . -5.90 17.98 15.44
C4 NAG G . -7.27 17.76 14.83
C5 NAG G . -7.10 17.29 13.39
C6 NAG G . -8.45 17.02 12.74
C7 NAG G . -3.42 20.29 15.69
C8 NAG G . -2.02 20.35 16.24
N2 NAG G . -3.78 19.14 15.11
O3 NAG G . -6.03 18.46 16.76
O4 NAG G . -7.99 16.80 15.57
O5 NAG G . -6.37 18.25 12.64
O6 NAG G . -9.23 18.19 12.78
O7 NAG G . -4.17 21.26 15.77
C1 NAG G . -9.27 17.13 16.13
C2 NAG G . -10.09 15.93 16.61
C3 NAG G . -11.42 16.34 17.22
C4 NAG G . -11.19 17.45 18.25
C5 NAG G . -10.45 18.60 17.59
C6 NAG G . -10.22 19.75 18.58
C7 NAG G . -9.94 13.75 15.57
C8 NAG G . -10.49 12.84 14.52
N2 NAG G . -10.33 15.02 15.51
O3 NAG G . -12.02 15.23 17.85
O4 NAG G . -12.44 17.88 18.77
O5 NAG G . -9.20 18.17 17.09
O6 NAG G . -9.62 20.82 17.89
O7 NAG G . -9.16 13.33 16.44
C1 MAN G . -12.87 17.23 19.98
C2 MAN G . -13.70 18.47 20.32
C3 MAN G . -14.28 18.44 21.73
C4 MAN G . -14.42 17.05 22.36
C5 MAN G . -13.35 16.06 21.94
C6 MAN G . -13.95 14.89 21.16
O2 MAN G . -14.74 18.60 19.37
O3 MAN G . -15.57 19.03 21.70
O4 MAN G . -14.41 17.18 23.77
O5 MAN G . -12.35 16.69 21.17
O6 MAN G . -15.07 14.40 21.87
C1 MAN G . -15.79 18.16 18.50
C2 MAN G . -15.20 17.42 17.29
C3 MAN G . -16.18 17.48 16.13
C4 MAN G . -17.10 18.69 16.31
C5 MAN G . -16.32 19.86 16.91
C6 MAN G . -17.15 21.13 16.95
O2 MAN G . -14.96 16.08 17.64
O3 MAN G . -16.95 16.29 16.09
O4 MAN G . -17.64 19.07 15.06
O5 MAN G . -15.91 19.54 18.23
O6 MAN G . -17.23 21.67 15.65
C1 MAN G . -15.45 20.44 21.53
C2 MAN G . -15.51 20.73 23.02
C3 MAN G . -16.71 21.60 23.33
C4 MAN G . -17.33 22.25 22.09
C5 MAN G . -16.36 22.54 20.93
C6 MAN G . -15.87 23.98 20.95
O2 MAN G . -14.32 21.38 23.42
O3 MAN G . -16.36 22.59 24.26
O4 MAN G . -18.39 21.46 21.61
O5 MAN G . -15.23 21.69 20.89
O6 MAN G . -14.63 24.05 21.60
C1 FUC G . -5.10 17.84 17.66
C2 FUC G . -5.16 18.59 18.99
C3 FUC G . -6.51 18.34 19.65
C4 FUC G . -6.75 16.84 19.78
C5 FUC G . -6.52 16.13 18.44
C6 FUC G . -6.62 14.62 18.61
O2 FUC G . -4.98 19.97 18.77
O3 FUC G . -6.53 18.92 20.93
O4 FUC G . -5.86 16.30 20.74
O5 FUC G . -5.25 16.45 17.92
CHA HEM H . -2.38 -5.42 2.61
CHB HEM H . -5.54 -6.01 -1.03
CHC HEM H . -2.27 -4.12 -4.09
CHD HEM H . 0.46 -2.73 -0.33
C1A HEM H . -3.51 -5.73 1.89
C2A HEM H . -4.74 -6.29 2.45
C3A HEM H . -5.62 -6.46 1.45
C4A HEM H . -4.97 -6.02 0.22
CMA HEM H . -7.04 -7.03 1.57
CAA HEM H . -4.95 -6.63 3.94
CBA HEM H . -5.74 -5.51 4.60
CGA HEM H . -6.17 -6.00 5.96
O1A HEM H . -7.04 -6.90 6.02
O2A HEM H . -5.65 -5.49 6.98
C1B HEM H . -4.89 -5.64 -2.18
C2B HEM H . -5.36 -5.87 -3.54
C3B HEM H . -4.45 -5.37 -4.38
C4B HEM H . -3.38 -4.77 -3.59
CMB HEM H . -6.66 -6.61 -3.91
CAB HEM H . -4.55 -5.40 -5.92
CBB HEM H . -3.43 -5.49 -6.65
C1C HEM H . -1.32 -3.46 -3.33
C2C HEM H . -0.36 -2.45 -3.79
C3C HEM H . 0.36 -2.06 -2.74
C4C HEM H . -0.08 -2.83 -1.59
CMC HEM H . -0.28 -1.92 -5.23
CAC HEM H . 1.52 -1.03 -2.67
CBC HEM H . 2.32 -0.75 -3.70
C1D HEM H . 0.01 -3.42 0.78
C2D HEM H . 0.74 -3.50 2.04
C3D HEM H . -0.15 -4.34 2.95
C4D HEM H . -1.32 -4.67 2.17
CMD HEM H . 2.11 -2.87 2.38
CAD HEM H . 0.13 -4.71 4.43
CBD HEM H . -0.35 -3.44 5.15
CGD HEM H . -0.03 -3.43 6.63
O1D HEM H . -0.40 -2.43 7.30
O2D HEM H . 0.56 -4.41 7.13
NA HEM H . -3.71 -5.57 0.54
NB HEM H . -3.69 -4.96 -2.26
NC HEM H . -1.11 -3.66 -1.97
ND HEM H . -1.19 -4.11 0.91
FE HEM H . -2.42 -4.58 -0.69
CA CA I . 9.06 -10.93 2.23
CA CA J . -6.06 10.46 -2.93
O1 PEO K . -3.60 -2.89 -0.41
O2 PEO K . -4.66 -2.06 0.11
S SO4 L . -1.57 0.30 17.32
O1 SO4 L . -1.70 1.75 17.15
O2 SO4 L . -2.59 -0.37 16.50
O3 SO4 L . -0.25 -0.13 16.88
O4 SO4 L . -1.78 -0.05 18.71
S SO4 M . -1.54 5.29 13.58
O1 SO4 M . -2.61 6.30 13.53
O2 SO4 M . -1.80 4.31 12.52
O3 SO4 M . -0.24 5.93 13.37
O4 SO4 M . -1.54 4.62 14.88
S SO4 N . 24.46 16.28 -9.07
O1 SO4 N . 24.36 16.51 -10.51
O2 SO4 N . 23.66 15.12 -8.70
O3 SO4 N . 25.85 16.03 -8.71
O4 SO4 N . 23.98 17.47 -8.36
S SO4 O . 11.92 -12.43 8.28
O1 SO4 O . 11.26 -11.58 7.30
O2 SO4 O . 11.67 -13.84 7.98
O3 SO4 O . 13.35 -12.19 8.27
O4 SO4 O . 11.38 -12.13 9.61
S SO4 P . 16.72 7.05 -9.34
O1 SO4 P . 16.05 6.57 -8.13
O2 SO4 P . 18.05 7.55 -9.01
O3 SO4 P . 16.83 5.95 -10.28
O4 SO4 P . 15.92 8.13 -9.93
S SO4 Q . 17.87 -2.86 -13.95
O1 SO4 Q . 17.06 -1.71 -14.37
O2 SO4 Q . 17.13 -4.09 -14.21
O3 SO4 Q . 19.12 -2.86 -14.71
O4 SO4 Q . 18.18 -2.76 -12.52
S SO4 R . -13.51 -22.02 18.29
O1 SO4 R . -13.95 -21.56 19.61
O2 SO4 R . -13.51 -20.90 17.35
O3 SO4 R . -12.16 -22.56 18.40
O4 SO4 R . -14.43 -23.05 17.81
S SO4 S . -19.04 -7.12 -14.62
O1 SO4 S . -20.04 -6.07 -14.79
O2 SO4 S . -19.72 -8.41 -14.66
O3 SO4 S . -18.04 -7.02 -15.67
O4 SO4 S . -18.38 -6.95 -13.32
O1 MES T . -12.68 -7.79 1.27
C2 MES T . -12.37 -6.78 2.21
C3 MES T . -13.54 -6.48 3.14
N4 MES T . -13.95 -7.73 3.76
C5 MES T . -14.09 -8.94 2.98
C6 MES T . -13.06 -9.04 1.85
C7 MES T . -14.26 -7.77 5.19
C8 MES T . -15.19 -6.61 5.47
S MES T . -16.22 -6.93 6.74
O1S MES T . -16.06 -8.32 7.21
O2S MES T . -15.93 -6.06 7.89
O3S MES T . -17.60 -6.72 6.24
C1 EDO U . 0.97 -14.69 11.08
O1 EDO U . 1.46 -13.38 11.24
C2 EDO U . 1.87 -15.31 10.04
O2 EDO U . 1.36 -16.59 9.74
C1 EDO V . 7.71 6.74 -14.17
O1 EDO V . 6.57 7.56 -13.90
C2 EDO V . 7.87 5.78 -13.00
O2 EDO V . 8.84 4.80 -13.33
C1 EDO W . 15.70 -14.71 -5.55
O1 EDO W . 15.54 -16.00 -6.17
C2 EDO W . 17.15 -14.26 -5.65
O2 EDO W . 17.35 -13.59 -6.89
C1 EDO X . -12.55 -27.48 13.59
O1 EDO X . -11.21 -27.13 13.93
C2 EDO X . -12.67 -27.59 12.08
O2 EDO X . -11.48 -28.19 11.55
C1 EDO Y . -17.54 -17.33 5.29
O1 EDO Y . -16.26 -16.83 4.86
C2 EDO Y . -18.15 -18.12 4.15
O2 EDO Y . -17.97 -17.39 2.93
C1 EDO Z . -14.59 18.24 -6.72
O1 EDO Z . -15.71 17.37 -6.53
C2 EDO Z . -13.49 17.50 -7.47
O2 EDO Z . -14.04 16.91 -8.66
C1 EDO AA . 18.21 -3.95 -2.79
O1 EDO AA . 17.58 -3.29 -3.90
C2 EDO AA . 18.18 -5.45 -3.02
O2 EDO AA . 16.86 -5.83 -3.42
C1 EDO BA . -18.22 2.59 5.61
O1 EDO BA . -18.41 2.85 4.22
C2 EDO BA . -19.03 3.60 6.42
O2 EDO BA . -18.68 4.93 6.01
C1 EDO CA . -19.43 -5.96 11.08
O1 EDO CA . -18.56 -5.23 11.95
C2 EDO CA . -18.98 -5.73 9.64
O2 EDO CA . -18.73 -4.35 9.45
C1 EDO DA . -16.57 -24.81 8.00
O1 EDO DA . -15.96 -25.56 9.07
C2 EDO DA . -16.11 -25.38 6.66
O2 EDO DA . -16.59 -24.57 5.59
C1 EDO EA . -8.59 4.39 11.66
O1 EDO EA . -8.36 5.52 10.80
C2 EDO EA . -7.38 3.46 11.62
O2 EDO EA . -7.29 2.85 10.33
C1 EDO FA . -4.49 10.46 13.60
O1 EDO FA . -4.96 10.61 12.26
C2 EDO FA . -3.90 9.07 13.77
O2 EDO FA . -2.95 9.09 14.83
C1 EDO GA . 14.57 18.71 -0.74
O1 EDO GA . 14.62 17.57 0.11
C2 EDO GA . 14.38 18.29 -2.19
O2 EDO GA . 12.99 17.97 -2.45
C1 EDO HA . 15.92 -0.68 -7.00
O1 EDO HA . 16.44 0.48 -7.63
C2 EDO HA . 16.85 -1.12 -5.88
O2 EDO HA . 16.96 -0.07 -4.90
C1 EDO IA . 5.07 -7.02 9.56
O1 EDO IA . 4.08 -5.99 9.66
C2 EDO IA . 6.41 -6.43 9.15
O2 EDO IA . 6.37 -6.09 7.77
C1 EDO JA . 4.76 -3.85 -19.98
O1 EDO JA . 3.40 -4.29 -19.94
C2 EDO JA . 5.27 -3.60 -18.57
O2 EDO JA . 4.51 -2.55 -17.96
C1 NAG KA . -11.03 5.05 -15.91
C2 NAG KA . -11.24 5.58 -17.33
C3 NAG KA . -12.10 6.83 -17.32
C4 NAG KA . -13.45 6.56 -16.63
C5 NAG KA . -13.24 5.72 -15.39
C6 NAG KA . -13.75 4.29 -15.56
C7 NAG KA . -8.78 5.89 -17.48
C8 NAG KA . -8.48 7.01 -16.53
N2 NAG KA . -9.99 5.86 -18.03
O3 NAG KA . -12.32 7.27 -18.65
O4 NAG KA . -14.07 7.79 -16.30
O5 NAG KA . -11.87 5.75 -15.02
O6 NAG KA . -13.84 3.65 -14.31
O7 NAG KA . -7.92 5.06 -17.75
C1 NAG LA . 21.67 -1.96 0.44
C2 NAG LA . 22.78 -2.98 0.72
C3 NAG LA . 24.15 -2.31 0.66
C4 NAG LA . 24.30 -1.70 -0.73
C5 NAG LA . 23.18 -0.69 -0.97
C6 NAG LA . 23.29 -0.15 -2.39
C7 NAG LA . 21.84 -3.38 2.99
C8 NAG LA . 20.57 -4.17 3.09
N2 NAG LA . 22.66 -3.69 1.98
O3 NAG LA . 25.17 -3.27 0.88
O4 NAG LA . 25.56 -1.05 -0.82
O5 NAG LA . 21.90 -1.25 -0.78
O6 NAG LA . 22.29 0.82 -2.62
O7 NAG LA . 22.10 -2.51 3.82
C1 NAG MA . 0.08 -11.47 -22.73
C2 NAG MA . 0.41 -11.45 -24.22
C3 NAG MA . -0.51 -10.53 -25.02
C4 NAG MA . -1.96 -10.72 -24.61
C5 NAG MA . -2.08 -10.55 -23.10
C6 NAG MA . -3.52 -10.64 -22.62
C7 NAG MA . 2.18 -10.07 -25.20
C8 NAG MA . 2.62 -8.81 -24.52
N2 NAG MA . 1.80 -11.08 -24.41
O3 NAG MA . -0.39 -10.78 -26.42
O4 NAG MA . -2.78 -9.78 -25.28
O5 NAG MA . -1.30 -11.54 -22.46
O6 NAG MA . -3.86 -12.01 -22.45
O7 NAG MA . 2.19 -10.14 -26.43
#